data_2R3D
#
_entry.id   2R3D
#
_cell.length_a   67.110
_cell.length_b   67.110
_cell.length_c   141.320
_cell.angle_alpha   90.000
_cell.angle_beta   90.000
_cell.angle_gamma   90.000
#
_symmetry.space_group_name_H-M   'P 41 21 2'
#
loop_
_entity.id
_entity.type
_entity.pdbx_description
1 polymer 'Ricin A chain (EC 3.2.2.22)'
2 non-polymer 'SULFATE ION'
3 non-polymer ACETAMIDE
4 water water
#
_entity_poly.entity_id   1
_entity_poly.type   'polypeptide(L)'
_entity_poly.pdbx_seq_one_letter_code
;MIFPKQYPIINFTTAGATVQSYTNFIRAVRGRLTTGADVRHEIPVLPNRVGLPINQRFILVELSNHAELSVTLALDVTNA
YVVGYRAGNSAYFFHPDNQEDAEAITHLFTDVQNRYTFAFGGNYDRLEQLAGNLRENIELGNGPLEEAISALYYYSTGGT
QLPTLARSFIICIQMISEAARFQYIEGEMRTRIRYNRRSAPDPSVITLENSWGRLSTAIQESNQGAFASPIQLQRRNGSK
FSVYDVSILIPIIALMVYRCAPPPSSQF
;
_entity_poly.pdbx_strand_id   A
#
# COMPACT_ATOMS: atom_id res chain seq x y z
N TYR A 7 16.42 -8.23 3.93
CA TYR A 7 15.51 -7.33 3.13
C TYR A 7 15.55 -5.93 3.70
N PRO A 8 15.59 -4.92 2.84
CA PRO A 8 15.64 -3.51 3.27
C PRO A 8 14.50 -3.18 4.23
N ILE A 9 14.80 -2.36 5.23
CA ILE A 9 13.81 -1.96 6.22
C ILE A 9 13.68 -0.45 6.29
N ILE A 10 12.43 0.03 6.31
CA ILE A 10 12.18 1.46 6.41
C ILE A 10 11.35 1.64 7.69
N ASN A 11 11.73 2.62 8.50
CA ASN A 11 11.03 2.87 9.76
C ASN A 11 10.16 4.11 9.71
N PHE A 12 9.06 4.05 10.45
CA PHE A 12 8.16 5.18 10.57
C PHE A 12 7.43 5.03 11.89
N THR A 13 7.21 6.15 12.55
CA THR A 13 6.47 6.13 13.80
C THR A 13 5.38 7.19 13.74
N THR A 14 4.24 6.87 14.34
CA THR A 14 3.13 7.79 14.40
C THR A 14 3.39 8.76 15.55
N ALA A 15 4.34 8.40 16.41
CA ALA A 15 4.66 9.24 17.57
C ALA A 15 5.30 10.54 17.10
N GLY A 16 4.58 11.64 17.25
CA GLY A 16 5.08 12.94 16.84
C GLY A 16 5.23 13.09 15.34
N ALA A 17 4.48 12.29 14.58
CA ALA A 17 4.55 12.35 13.13
C ALA A 17 4.23 13.74 12.60
N THR A 18 4.95 14.14 11.55
CA THR A 18 4.73 15.42 10.90
C THR A 18 4.63 15.18 9.40
N VAL A 19 4.16 16.19 8.68
CA VAL A 19 4.04 16.07 7.23
C VAL A 19 5.41 15.70 6.66
N GLN A 20 6.45 16.32 7.19
CA GLN A 20 7.80 16.06 6.70
C GLN A 20 8.29 14.64 7.01
N SER A 21 8.08 14.16 8.23
CA SER A 21 8.53 12.80 8.56
C SER A 21 7.74 11.78 7.75
N TYR A 22 6.47 12.04 7.52
CA TYR A 22 5.66 11.12 6.73
C TYR A 22 6.15 11.16 5.28
N THR A 23 6.42 12.37 4.77
CA THR A 23 6.90 12.54 3.39
C THR A 23 8.24 11.82 3.16
N ASN A 24 9.17 11.96 4.12
CA ASN A 24 10.48 11.31 4.00
C ASN A 24 10.27 9.81 3.97
N PHE A 25 9.38 9.33 4.85
CA PHE A 25 9.06 7.91 4.93
C PHE A 25 8.55 7.34 3.61
N ILE A 26 7.50 7.95 3.07
CA ILE A 26 6.94 7.50 1.81
C ILE A 26 7.98 7.57 0.70
N ARG A 27 8.76 8.64 0.70
CA ARG A 27 9.82 8.81 -0.30
C ARG A 27 10.81 7.63 -0.21
N ALA A 28 11.12 7.23 1.02
CA ALA A 28 12.06 6.12 1.21
C ALA A 28 11.45 4.83 0.71
N VAL A 29 10.16 4.64 0.99
CA VAL A 29 9.48 3.43 0.54
C VAL A 29 9.57 3.33 -0.99
N ARG A 30 9.28 4.42 -1.67
CA ARG A 30 9.33 4.44 -3.13
C ARG A 30 10.73 4.11 -3.64
N GLY A 31 11.74 4.60 -2.93
CA GLY A 31 13.11 4.35 -3.33
C GLY A 31 13.48 2.88 -3.21
N ARG A 32 12.90 2.19 -2.24
CA ARG A 32 13.17 0.77 -2.04
C ARG A 32 12.28 -0.11 -2.91
N LEU A 33 11.12 0.42 -3.30
CA LEU A 33 10.19 -0.35 -4.13
C LEU A 33 10.65 -0.48 -5.58
N THR A 34 11.19 0.60 -6.14
CA THR A 34 11.64 0.60 -7.54
C THR A 34 13.09 1.02 -7.61
N THR A 35 13.79 0.54 -8.63
CA THR A 35 15.19 0.87 -8.83
C THR A 35 15.25 2.26 -9.46
N GLY A 36 14.24 2.57 -10.25
CA GLY A 36 14.21 3.86 -10.93
C GLY A 36 14.80 3.71 -12.32
N ALA A 37 14.95 2.46 -12.75
CA ALA A 37 15.50 2.17 -14.06
C ALA A 37 14.40 2.25 -15.12
N ASP A 38 13.24 1.69 -14.79
CA ASP A 38 12.10 1.66 -15.71
C ASP A 38 11.20 2.86 -15.46
N VAL A 39 11.14 3.74 -16.44
CA VAL A 39 10.29 4.91 -16.33
C VAL A 39 9.57 5.06 -17.66
N ARG A 40 8.32 5.50 -17.63
CA ARG A 40 7.57 5.69 -18.88
C ARG A 40 6.79 6.97 -18.83
N HIS A 41 6.99 7.91 -19.70
CA HIS A 41 6.24 9.15 -19.63
C HIS A 41 6.38 9.71 -18.20
N GLU A 42 7.64 9.64 -17.74
CA GLU A 42 8.05 10.19 -16.46
C GLU A 42 7.54 9.49 -15.20
N ILE A 43 6.85 8.36 -15.37
CA ILE A 43 6.34 7.64 -14.23
C ILE A 43 7.06 6.31 -14.01
N PRO A 44 7.72 6.15 -12.84
CA PRO A 44 8.46 4.94 -12.48
C PRO A 44 7.59 3.68 -12.50
N VAL A 45 8.19 2.57 -12.88
CA VAL A 45 7.47 1.30 -12.91
C VAL A 45 8.13 0.38 -11.89
N LEU A 46 7.31 -0.38 -11.16
CA LEU A 46 7.85 -1.32 -10.20
C LEU A 46 8.55 -2.44 -10.97
N PRO A 47 9.50 -3.14 -10.32
CA PRO A 47 10.24 -4.24 -10.94
C PRO A 47 9.28 -5.31 -11.50
N ASN A 48 9.64 -5.85 -12.65
CA ASN A 48 8.86 -6.91 -13.28
C ASN A 48 9.01 -8.15 -12.37
N ARG A 49 7.92 -8.82 -12.06
CA ARG A 49 8.01 -10.00 -11.20
C ARG A 49 8.70 -11.17 -11.92
N VAL A 50 8.62 -11.19 -13.24
CA VAL A 50 9.21 -12.29 -14.00
C VAL A 50 10.74 -12.24 -13.93
N GLY A 51 11.32 -13.26 -13.29
CA GLY A 51 12.76 -13.35 -13.17
C GLY A 51 13.35 -12.55 -12.01
N LEU A 52 12.49 -11.97 -11.18
CA LEU A 52 12.98 -11.18 -10.05
C LEU A 52 13.53 -12.09 -8.96
N PRO A 53 14.84 -12.01 -8.66
CA PRO A 53 15.46 -12.84 -7.62
C PRO A 53 14.69 -12.68 -6.30
N ILE A 54 14.59 -13.76 -5.53
CA ILE A 54 13.88 -13.73 -4.27
C ILE A 54 14.53 -12.83 -3.22
N ASN A 55 15.84 -12.62 -3.32
CA ASN A 55 16.55 -11.77 -2.38
C ASN A 55 16.25 -10.28 -2.58
N GLN A 56 15.45 -9.95 -3.60
CA GLN A 56 15.09 -8.56 -3.88
C GLN A 56 13.58 -8.44 -4.03
N ARG A 57 12.86 -9.46 -3.58
CA ARG A 57 11.42 -9.50 -3.71
C ARG A 57 10.61 -8.67 -2.69
N PHE A 58 11.18 -8.42 -1.52
CA PHE A 58 10.43 -7.70 -0.49
C PHE A 58 11.20 -6.57 0.16
N ILE A 59 10.44 -5.74 0.86
CA ILE A 59 11.00 -4.65 1.65
C ILE A 59 10.19 -4.70 2.94
N LEU A 60 10.80 -4.28 4.04
CA LEU A 60 10.10 -4.29 5.32
C LEU A 60 9.83 -2.88 5.80
N VAL A 61 8.63 -2.67 6.34
CA VAL A 61 8.25 -1.37 6.87
C VAL A 61 7.94 -1.57 8.34
N GLU A 62 8.81 -1.06 9.20
CA GLU A 62 8.59 -1.21 10.63
C GLU A 62 7.82 0.00 11.13
N LEU A 63 6.63 -0.25 11.68
CA LEU A 63 5.79 0.82 12.20
C LEU A 63 5.79 0.82 13.73
N SER A 64 6.05 1.98 14.31
CA SER A 64 6.03 2.12 15.77
C SER A 64 5.02 3.21 16.10
N ASN A 65 4.55 3.23 17.35
CA ASN A 65 3.59 4.24 17.76
C ASN A 65 3.92 4.83 19.13
N HIS A 66 3.15 5.84 19.56
CA HIS A 66 3.37 6.49 20.84
C HIS A 66 3.31 5.47 21.98
N ALA A 67 2.49 4.44 21.81
CA ALA A 67 2.36 3.42 22.84
C ALA A 67 3.61 2.53 22.94
N GLU A 68 4.65 2.89 22.19
CA GLU A 68 5.91 2.13 22.19
C GLU A 68 5.74 0.70 21.68
N LEU A 69 4.78 0.49 20.80
CA LEU A 69 4.54 -0.82 20.22
C LEU A 69 5.01 -0.79 18.77
N SER A 70 5.62 -1.89 18.32
CA SER A 70 6.10 -1.98 16.94
C SER A 70 5.57 -3.21 16.22
N VAL A 71 5.41 -3.07 14.91
CA VAL A 71 4.98 -4.14 14.03
C VAL A 71 5.76 -3.91 12.73
N THR A 72 6.03 -4.97 12.01
CA THR A 72 6.76 -4.89 10.77
C THR A 72 5.94 -5.47 9.63
N LEU A 73 5.63 -4.64 8.65
CA LEU A 73 4.86 -5.09 7.50
C LEU A 73 5.84 -5.51 6.41
N ALA A 74 5.44 -6.50 5.63
CA ALA A 74 6.27 -6.98 4.53
C ALA A 74 5.56 -6.61 3.24
N LEU A 75 6.22 -5.85 2.38
CA LEU A 75 5.65 -5.46 1.11
C LEU A 75 6.34 -6.14 -0.05
N ASP A 76 5.54 -6.53 -1.04
CA ASP A 76 6.04 -7.18 -2.24
C ASP A 76 6.40 -6.02 -3.17
N VAL A 77 7.65 -5.96 -3.63
CA VAL A 77 8.07 -4.86 -4.50
C VAL A 77 7.45 -4.85 -5.89
N THR A 78 6.90 -5.97 -6.35
CA THR A 78 6.30 -6.01 -7.67
C THR A 78 4.93 -5.35 -7.74
N ASN A 79 4.25 -5.22 -6.59
CA ASN A 79 2.92 -4.60 -6.58
C ASN A 79 2.66 -3.71 -5.36
N ALA A 80 3.65 -3.60 -4.49
CA ALA A 80 3.54 -2.84 -3.25
C ALA A 80 2.51 -3.39 -2.27
N TYR A 81 2.07 -4.62 -2.48
CA TYR A 81 1.11 -5.17 -1.55
C TYR A 81 1.78 -5.48 -0.19
N VAL A 82 0.95 -5.33 0.85
CA VAL A 82 1.34 -5.80 2.21
C VAL A 82 0.94 -7.30 2.24
N VAL A 83 1.96 -8.14 2.29
CA VAL A 83 1.75 -9.59 2.24
C VAL A 83 1.62 -10.22 3.62
N GLY A 84 2.06 -9.50 4.65
CA GLY A 84 2.00 -10.02 6.01
C GLY A 84 2.68 -9.10 6.99
N TYR A 85 2.76 -9.52 8.25
CA TYR A 85 3.40 -8.69 9.26
C TYR A 85 3.89 -9.49 10.45
N ARG A 86 4.89 -8.95 11.14
CA ARG A 86 5.43 -9.58 12.33
C ARG A 86 5.20 -8.69 13.53
N ALA A 87 4.79 -9.29 14.64
CA ALA A 87 4.60 -8.59 15.90
C ALA A 87 5.17 -9.55 16.95
N GLY A 88 6.35 -9.23 17.45
CA GLY A 88 6.99 -10.08 18.44
C GLY A 88 7.34 -11.45 17.88
N ASN A 89 6.95 -12.51 18.58
CA ASN A 89 7.26 -13.87 18.18
C ASN A 89 6.23 -14.47 17.23
N SER A 90 5.39 -13.62 16.65
CA SER A 90 4.37 -14.11 15.73
C SER A 90 4.29 -13.28 14.44
N ALA A 91 4.10 -13.97 13.32
CA ALA A 91 3.97 -13.32 12.03
C ALA A 91 2.75 -13.92 11.34
N TYR A 92 2.03 -13.09 10.59
CA TYR A 92 0.82 -13.52 9.90
C TYR A 92 0.89 -13.12 8.44
N PHE A 93 0.50 -14.02 7.55
CA PHE A 93 0.53 -13.72 6.13
C PHE A 93 -0.84 -13.86 5.50
N PHE A 94 -1.13 -13.02 4.52
CA PHE A 94 -2.41 -13.12 3.84
C PHE A 94 -2.32 -14.35 2.94
N HIS A 95 -3.46 -14.96 2.69
CA HIS A 95 -3.55 -16.16 1.87
C HIS A 95 -2.76 -16.03 0.56
N PRO A 96 -1.74 -16.86 0.37
CA PRO A 96 -0.99 -16.77 -0.88
C PRO A 96 -1.93 -17.01 -2.06
N ASP A 97 -1.54 -16.48 -3.20
CA ASP A 97 -2.31 -16.54 -4.42
C ASP A 97 -1.80 -17.51 -5.45
N ASN A 98 -0.51 -17.77 -5.53
CA ASN A 98 -0.05 -18.79 -6.46
C ASN A 98 1.02 -19.53 -5.70
N GLN A 99 1.52 -20.62 -6.26
CA GLN A 99 2.56 -21.37 -5.58
C GLN A 99 3.80 -20.50 -5.39
N GLU A 100 4.07 -19.64 -6.37
CA GLU A 100 5.23 -18.75 -6.31
C GLU A 100 5.18 -17.84 -5.10
N ASP A 101 4.03 -17.20 -4.87
CA ASP A 101 3.88 -16.30 -3.74
C ASP A 101 3.95 -17.08 -2.42
N ALA A 102 3.40 -18.28 -2.40
CA ALA A 102 3.42 -19.10 -1.21
C ALA A 102 4.85 -19.44 -0.83
N GLU A 103 5.68 -19.77 -1.81
CA GLU A 103 7.07 -20.11 -1.53
C GLU A 103 7.83 -18.84 -1.14
N ALA A 104 7.53 -17.74 -1.85
CA ALA A 104 8.22 -16.47 -1.57
C ALA A 104 8.08 -15.99 -0.13
N ILE A 105 6.88 -16.05 0.44
CA ILE A 105 6.73 -15.57 1.81
C ILE A 105 7.45 -16.39 2.87
N THR A 106 7.88 -17.61 2.54
CA THR A 106 8.62 -18.39 3.52
C THR A 106 10.00 -17.76 3.73
N HIS A 107 10.35 -16.79 2.89
CA HIS A 107 11.64 -16.09 2.99
C HIS A 107 11.54 -14.89 3.92
N LEU A 108 10.35 -14.61 4.42
CA LEU A 108 10.14 -13.50 5.33
C LEU A 108 10.07 -13.94 6.79
N PHE A 109 10.57 -13.08 7.67
CA PHE A 109 10.57 -13.32 9.12
C PHE A 109 10.93 -14.77 9.42
N THR A 110 12.00 -15.25 8.78
CA THR A 110 12.41 -16.64 8.94
C THR A 110 12.67 -17.11 10.36
N ASP A 111 12.95 -16.17 11.28
CA ASP A 111 13.24 -16.57 12.65
C ASP A 111 12.14 -16.38 13.68
N VAL A 112 10.93 -16.03 13.21
CA VAL A 112 9.84 -15.84 14.14
C VAL A 112 9.44 -17.22 14.68
N GLN A 113 9.13 -17.28 15.96
CA GLN A 113 8.76 -18.53 16.59
C GLN A 113 7.46 -19.10 16.04
N ASN A 114 6.46 -18.23 15.84
CA ASN A 114 5.17 -18.65 15.34
C ASN A 114 4.77 -18.00 14.02
N ARG A 115 4.52 -18.83 13.02
CA ARG A 115 4.14 -18.34 11.69
C ARG A 115 2.74 -18.78 11.34
N TYR A 116 1.93 -17.86 10.83
CA TYR A 116 0.55 -18.21 10.46
C TYR A 116 0.21 -17.61 9.10
N THR A 117 -0.60 -18.33 8.34
CA THR A 117 -1.06 -17.84 7.05
C THR A 117 -2.59 -17.79 7.09
N PHE A 118 -3.14 -16.58 6.98
CA PHE A 118 -4.60 -16.41 6.99
C PHE A 118 -5.19 -17.15 5.79
N ALA A 119 -6.48 -17.47 5.89
CA ALA A 119 -7.18 -18.16 4.82
C ALA A 119 -7.79 -17.17 3.85
N PHE A 120 -7.73 -15.89 4.21
CA PHE A 120 -8.29 -14.85 3.37
C PHE A 120 -7.18 -13.97 2.79
N GLY A 121 -7.53 -13.19 1.77
CA GLY A 121 -6.55 -12.32 1.14
C GLY A 121 -6.58 -10.92 1.72
N GLY A 122 -5.62 -10.10 1.31
CA GLY A 122 -5.54 -8.73 1.80
C GLY A 122 -6.25 -7.75 0.90
N ASN A 123 -6.98 -8.24 -0.07
CA ASN A 123 -7.70 -7.36 -0.98
C ASN A 123 -8.80 -6.64 -0.22
N TYR A 124 -9.18 -5.46 -0.70
CA TYR A 124 -10.20 -4.65 -0.04
C TYR A 124 -11.56 -5.32 0.13
N ASP A 125 -12.08 -5.94 -0.91
CA ASP A 125 -13.39 -6.59 -0.81
C ASP A 125 -13.44 -7.50 0.41
N ARG A 126 -12.40 -8.32 0.57
CA ARG A 126 -12.35 -9.23 1.70
C ARG A 126 -12.20 -8.51 3.03
N LEU A 127 -11.18 -7.64 3.14
CA LEU A 127 -10.95 -6.92 4.39
C LEU A 127 -12.16 -6.10 4.86
N GLU A 128 -12.83 -5.43 3.92
CA GLU A 128 -14.01 -4.62 4.24
C GLU A 128 -15.11 -5.54 4.77
N GLN A 129 -15.22 -6.73 4.18
CA GLN A 129 -16.20 -7.71 4.58
C GLN A 129 -15.95 -8.17 6.02
N LEU A 130 -14.70 -8.50 6.33
CA LEU A 130 -14.34 -8.96 7.67
C LEU A 130 -14.42 -7.80 8.67
N ALA A 131 -14.11 -6.60 8.20
CA ALA A 131 -14.13 -5.41 9.05
C ALA A 131 -15.54 -4.95 9.39
N GLY A 132 -16.49 -5.26 8.53
CA GLY A 132 -17.86 -4.84 8.75
C GLY A 132 -18.02 -3.38 8.36
N ASN A 133 -17.06 -2.88 7.58
CA ASN A 133 -17.08 -1.49 7.13
C ASN A 133 -16.37 -1.33 5.80
N LEU A 134 -16.85 -0.40 4.98
CA LEU A 134 -16.22 -0.12 3.69
C LEU A 134 -15.14 0.93 3.94
N ARG A 135 -14.22 1.06 2.99
CA ARG A 135 -13.15 2.04 3.11
C ARG A 135 -13.71 3.44 3.38
N GLU A 136 -14.78 3.78 2.67
CA GLU A 136 -15.40 5.09 2.82
C GLU A 136 -15.93 5.37 4.21
N ASN A 137 -15.96 4.35 5.06
CA ASN A 137 -16.44 4.53 6.43
C ASN A 137 -15.35 4.22 7.46
N ILE A 138 -14.11 4.09 6.99
CA ILE A 138 -12.99 3.83 7.88
C ILE A 138 -12.07 5.04 7.87
N GLU A 139 -11.97 5.72 9.01
CA GLU A 139 -11.15 6.91 9.13
C GLU A 139 -9.65 6.65 9.02
N LEU A 140 -8.98 7.55 8.32
CA LEU A 140 -7.53 7.47 8.10
C LEU A 140 -6.91 8.72 8.73
N GLY A 141 -5.66 8.59 9.13
CA GLY A 141 -4.96 9.69 9.76
C GLY A 141 -3.95 9.10 10.71
N ASN A 142 -3.27 9.96 11.48
CA ASN A 142 -2.24 9.49 12.39
C ASN A 142 -2.84 8.72 13.58
N GLY A 143 -4.01 9.16 14.03
CA GLY A 143 -4.66 8.49 15.15
C GLY A 143 -5.05 7.08 14.71
N PRO A 144 -5.76 6.95 13.58
CA PRO A 144 -6.14 5.61 13.12
C PRO A 144 -4.92 4.71 12.94
N LEU A 145 -3.84 5.27 12.40
CA LEU A 145 -2.64 4.46 12.19
C LEU A 145 -2.07 3.98 13.50
N GLU A 146 -1.96 4.91 14.45
CA GLU A 146 -1.44 4.61 15.77
C GLU A 146 -2.20 3.50 16.42
N GLU A 147 -3.52 3.55 16.28
CA GLU A 147 -4.43 2.55 16.81
C GLU A 147 -4.33 1.23 16.01
N ALA A 148 -4.12 1.33 14.70
CA ALA A 148 -4.02 0.15 13.85
C ALA A 148 -2.79 -0.64 14.28
N ILE A 149 -1.70 0.06 14.55
CA ILE A 149 -0.46 -0.59 14.98
C ILE A 149 -0.67 -1.40 16.27
N SER A 150 -1.36 -0.80 17.24
CA SER A 150 -1.62 -1.49 18.51
C SER A 150 -2.52 -2.70 18.27
N ALA A 151 -3.53 -2.53 17.43
CA ALA A 151 -4.44 -3.60 17.11
C ALA A 151 -3.67 -4.79 16.52
N LEU A 152 -2.78 -4.52 15.58
CA LEU A 152 -1.97 -5.55 14.94
C LEU A 152 -1.07 -6.21 15.97
N TYR A 153 -0.51 -5.40 16.86
CA TYR A 153 0.38 -5.88 17.88
C TYR A 153 -0.23 -6.87 18.87
N TYR A 154 -1.44 -6.59 19.34
CA TYR A 154 -2.09 -7.46 20.31
C TYR A 154 -2.92 -8.61 19.76
N TYR A 155 -2.95 -8.75 18.44
CA TYR A 155 -3.75 -9.82 17.86
C TYR A 155 -3.36 -11.21 18.38
N SER A 156 -2.07 -11.50 18.42
CA SER A 156 -1.59 -12.82 18.83
C SER A 156 -1.88 -13.19 20.27
N THR A 157 -2.12 -12.20 21.12
CA THR A 157 -2.42 -12.46 22.52
C THR A 157 -3.91 -12.43 22.82
N GLY A 158 -4.72 -12.25 21.78
CA GLY A 158 -6.15 -12.24 21.96
C GLY A 158 -6.78 -10.91 22.30
N GLY A 159 -6.03 -9.82 22.21
CA GLY A 159 -6.57 -8.52 22.53
C GLY A 159 -7.27 -7.84 21.37
N THR A 160 -7.17 -8.42 20.17
CA THR A 160 -7.77 -7.82 19.00
C THR A 160 -8.72 -8.75 18.27
N GLN A 161 -9.97 -8.33 18.10
CA GLN A 161 -10.94 -9.16 17.38
C GLN A 161 -10.66 -9.03 15.87
N LEU A 162 -11.09 -10.02 15.10
CA LEU A 162 -10.85 -10.02 13.66
C LEU A 162 -11.33 -8.77 12.92
N PRO A 163 -12.55 -8.30 13.22
CA PRO A 163 -13.04 -7.10 12.53
C PRO A 163 -12.09 -5.91 12.69
N THR A 164 -11.54 -5.77 13.89
CA THR A 164 -10.64 -4.67 14.19
C THR A 164 -9.31 -4.91 13.49
N LEU A 165 -8.91 -6.17 13.40
CA LEU A 165 -7.65 -6.49 12.72
C LEU A 165 -7.75 -6.12 11.25
N ALA A 166 -8.86 -6.49 10.62
CA ALA A 166 -9.10 -6.20 9.20
C ALA A 166 -9.15 -4.70 8.95
N ARG A 167 -9.81 -3.99 9.86
CA ARG A 167 -9.93 -2.54 9.78
C ARG A 167 -8.53 -1.93 9.82
N SER A 168 -7.69 -2.48 10.69
CA SER A 168 -6.32 -2.01 10.86
C SER A 168 -5.49 -2.22 9.60
N PHE A 169 -5.71 -3.34 8.91
CA PHE A 169 -4.99 -3.61 7.68
C PHE A 169 -5.40 -2.57 6.65
N ILE A 170 -6.70 -2.30 6.58
CA ILE A 170 -7.22 -1.34 5.63
C ILE A 170 -6.54 0.01 5.84
N ILE A 171 -6.36 0.40 7.10
CA ILE A 171 -5.71 1.68 7.41
C ILE A 171 -4.25 1.68 6.95
N CYS A 172 -3.51 0.67 7.38
CA CYS A 172 -2.09 0.55 7.04
C CYS A 172 -1.85 0.47 5.54
N ILE A 173 -2.63 -0.35 4.85
CA ILE A 173 -2.47 -0.53 3.42
C ILE A 173 -2.62 0.77 2.64
N GLN A 174 -3.63 1.57 3.02
CA GLN A 174 -3.85 2.84 2.35
C GLN A 174 -2.83 3.91 2.71
N MET A 175 -2.45 3.98 3.99
CA MET A 175 -1.49 4.98 4.43
C MET A 175 -0.04 4.69 4.06
N ILE A 176 0.23 3.46 3.66
CA ILE A 176 1.58 3.08 3.29
C ILE A 176 1.67 2.74 1.80
N SER A 177 1.03 1.65 1.40
CA SER A 177 1.07 1.21 0.02
C SER A 177 0.42 2.16 -0.99
N GLU A 178 -0.82 2.58 -0.74
CA GLU A 178 -1.49 3.47 -1.68
C GLU A 178 -0.79 4.83 -1.76
N ALA A 179 -0.35 5.34 -0.61
CA ALA A 179 0.34 6.62 -0.59
C ALA A 179 1.63 6.53 -1.44
N ALA A 180 2.30 5.39 -1.36
CA ALA A 180 3.54 5.19 -2.13
C ALA A 180 3.23 5.17 -3.62
N ARG A 181 2.09 4.56 -3.97
CA ARG A 181 1.66 4.47 -5.36
C ARG A 181 1.20 5.79 -5.94
N PHE A 182 0.54 6.57 -5.13
CA PHE A 182 0.00 7.84 -5.63
C PHE A 182 0.41 9.05 -4.76
N GLN A 183 1.04 10.02 -5.39
CA GLN A 183 1.40 11.21 -4.63
C GLN A 183 0.16 11.93 -4.16
N TYR A 184 -0.91 11.92 -4.96
CA TYR A 184 -2.25 12.46 -4.64
C TYR A 184 -2.83 11.78 -3.37
N ILE A 185 -2.65 10.49 -3.16
CA ILE A 185 -3.09 9.96 -1.87
C ILE A 185 -2.05 10.23 -0.76
N GLU A 186 -0.75 10.30 -1.09
CA GLU A 186 0.22 10.66 -0.07
C GLU A 186 -0.14 12.08 0.38
N GLY A 187 -0.62 12.89 -0.57
CA GLY A 187 -1.00 14.26 -0.26
C GLY A 187 -2.19 14.33 0.67
N GLU A 188 -3.14 13.45 0.46
CA GLU A 188 -4.34 13.41 1.31
C GLU A 188 -3.93 13.07 2.74
N MET A 189 -3.00 12.14 2.89
CA MET A 189 -2.55 11.75 4.22
C MET A 189 -1.73 12.86 4.87
N ARG A 190 -0.96 13.58 4.05
CA ARG A 190 -0.15 14.68 4.57
C ARG A 190 -1.08 15.72 5.19
N THR A 191 -2.20 15.97 4.53
CA THR A 191 -3.19 16.94 5.02
C THR A 191 -3.75 16.50 6.37
N ARG A 192 -4.09 15.21 6.48
CA ARG A 192 -4.63 14.67 7.72
C ARG A 192 -3.66 14.84 8.89
N ILE A 193 -2.39 14.60 8.61
CA ILE A 193 -1.37 14.72 9.66
C ILE A 193 -1.18 16.18 10.04
N ARG A 194 -1.05 17.04 9.02
CA ARG A 194 -0.84 18.46 9.26
C ARG A 194 -1.89 19.10 10.16
N TYR A 195 -3.15 18.69 10.02
CA TYR A 195 -4.21 19.26 10.84
C TYR A 195 -4.69 18.29 11.92
N ASN A 196 -3.98 17.19 12.10
CA ASN A 196 -4.34 16.18 13.08
C ASN A 196 -5.82 15.83 13.00
N ARG A 197 -6.32 15.61 11.79
CA ARG A 197 -7.72 15.27 11.61
C ARG A 197 -7.84 13.88 10.96
N ARG A 198 -8.64 13.02 11.58
CA ARG A 198 -8.84 11.68 11.02
C ARG A 198 -10.13 11.75 10.19
N SER A 199 -10.09 11.13 9.01
CA SER A 199 -11.26 11.16 8.15
C SER A 199 -11.19 10.05 7.11
N ALA A 200 -12.35 9.50 6.77
CA ALA A 200 -12.43 8.45 5.79
C ALA A 200 -12.02 9.01 4.41
N PRO A 201 -11.52 8.15 3.53
CA PRO A 201 -11.11 8.57 2.18
C PRO A 201 -12.31 8.96 1.31
N ASP A 202 -12.19 10.11 0.64
CA ASP A 202 -13.25 10.57 -0.25
C ASP A 202 -13.20 9.76 -1.55
N PRO A 203 -14.22 9.89 -2.41
CA PRO A 203 -14.25 9.14 -3.69
C PRO A 203 -13.02 9.27 -4.59
N SER A 204 -12.31 10.39 -4.51
CA SER A 204 -11.13 10.57 -5.36
C SER A 204 -10.05 9.59 -4.95
N VAL A 205 -9.89 9.38 -3.65
CA VAL A 205 -8.90 8.43 -3.13
C VAL A 205 -9.35 7.01 -3.46
N ILE A 206 -10.60 6.70 -3.14
CA ILE A 206 -11.17 5.38 -3.40
C ILE A 206 -11.02 4.94 -4.84
N THR A 207 -11.40 5.81 -5.77
CA THR A 207 -11.32 5.49 -7.20
C THR A 207 -9.89 5.30 -7.71
N LEU A 208 -8.95 6.10 -7.20
CA LEU A 208 -7.57 5.95 -7.62
C LEU A 208 -7.09 4.57 -7.17
N GLU A 209 -7.40 4.23 -5.92
CA GLU A 209 -7.00 2.93 -5.38
C GLU A 209 -7.51 1.79 -6.24
N ASN A 210 -8.78 1.86 -6.62
CA ASN A 210 -9.37 0.79 -7.43
C ASN A 210 -8.87 0.76 -8.87
N SER A 211 -8.41 1.91 -9.35
CA SER A 211 -7.97 2.02 -10.72
C SER A 211 -6.48 1.89 -10.99
N TRP A 212 -5.70 1.66 -9.94
CA TRP A 212 -4.24 1.57 -10.09
C TRP A 212 -3.80 0.62 -11.20
N GLY A 213 -4.39 -0.57 -11.24
CA GLY A 213 -4.03 -1.57 -12.25
C GLY A 213 -4.34 -1.13 -13.67
N ARG A 214 -5.56 -0.64 -13.85
CA ARG A 214 -6.03 -0.17 -15.14
C ARG A 214 -5.18 1.03 -15.62
N LEU A 215 -4.91 1.95 -14.70
CA LEU A 215 -4.11 3.12 -15.02
C LEU A 215 -2.70 2.69 -15.45
N SER A 216 -2.11 1.76 -14.68
CA SER A 216 -0.76 1.32 -15.01
C SER A 216 -0.74 0.71 -16.42
N THR A 217 -1.73 -0.13 -16.71
CA THR A 217 -1.80 -0.75 -18.02
C THR A 217 -2.07 0.25 -19.14
N ALA A 218 -3.02 1.16 -18.92
CA ALA A 218 -3.35 2.14 -19.97
C ALA A 218 -2.14 2.97 -20.35
N ILE A 219 -1.39 3.42 -19.36
CA ILE A 219 -0.22 4.23 -19.60
C ILE A 219 0.84 3.45 -20.39
N GLN A 220 1.16 2.26 -19.91
CA GLN A 220 2.17 1.44 -20.56
C GLN A 220 1.82 1.00 -21.97
N GLU A 221 0.53 0.88 -22.27
CA GLU A 221 0.11 0.45 -23.58
C GLU A 221 -0.37 1.61 -24.44
N SER A 222 -0.23 2.83 -23.92
CA SER A 222 -0.67 4.02 -24.63
C SER A 222 0.15 4.25 -25.88
N ASN A 223 -0.46 4.96 -26.82
CA ASN A 223 0.24 5.29 -28.04
C ASN A 223 0.83 6.67 -27.82
N GLN A 224 2.13 6.71 -27.55
CA GLN A 224 2.84 7.98 -27.30
C GLN A 224 2.18 8.75 -26.15
N GLY A 225 1.54 8.03 -25.25
CA GLY A 225 0.92 8.68 -24.11
C GLY A 225 -0.60 8.77 -24.16
N ALA A 226 -1.18 8.59 -25.35
CA ALA A 226 -2.63 8.69 -25.49
C ALA A 226 -3.31 7.34 -25.27
N PHE A 227 -4.33 7.32 -24.40
CA PHE A 227 -5.05 6.09 -24.10
C PHE A 227 -5.99 5.73 -25.25
N ALA A 228 -6.12 4.44 -25.53
CA ALA A 228 -7.01 3.98 -26.58
C ALA A 228 -8.45 4.17 -26.08
N SER A 229 -8.65 3.93 -24.80
CA SER A 229 -9.95 4.08 -24.19
C SER A 229 -9.76 4.86 -22.89
N PRO A 230 -10.58 5.90 -22.69
CA PRO A 230 -10.47 6.72 -21.48
C PRO A 230 -10.76 5.94 -20.21
N ILE A 231 -10.21 6.43 -19.10
CA ILE A 231 -10.45 5.80 -17.81
C ILE A 231 -11.19 6.84 -16.97
N GLN A 232 -12.25 6.40 -16.31
CA GLN A 232 -13.05 7.29 -15.51
C GLN A 232 -12.65 7.29 -14.04
N LEU A 233 -12.33 8.47 -13.51
CA LEU A 233 -11.99 8.60 -12.11
C LEU A 233 -13.07 9.48 -11.47
N GLN A 234 -12.92 9.74 -10.17
CA GLN A 234 -13.88 10.57 -9.46
C GLN A 234 -13.21 11.71 -8.73
N ARG A 235 -13.90 12.86 -8.69
CA ARG A 235 -13.38 14.03 -8.00
C ARG A 235 -13.72 13.83 -6.52
N ARG A 236 -13.32 14.78 -5.69
CA ARG A 236 -13.60 14.69 -4.26
C ARG A 236 -15.09 14.69 -3.99
N ASN A 237 -15.85 15.41 -4.81
CA ASN A 237 -17.28 15.47 -4.62
C ASN A 237 -18.00 14.28 -5.23
N GLY A 238 -17.23 13.34 -5.75
CA GLY A 238 -17.82 12.15 -6.35
C GLY A 238 -18.23 12.29 -7.81
N SER A 239 -18.03 13.46 -8.41
CA SER A 239 -18.36 13.65 -9.81
C SER A 239 -17.35 12.89 -10.67
N LYS A 240 -17.80 12.43 -11.83
CA LYS A 240 -16.95 11.67 -12.74
C LYS A 240 -16.15 12.56 -13.68
N PHE A 241 -14.97 12.08 -14.07
CA PHE A 241 -14.14 12.82 -15.01
C PHE A 241 -13.25 11.78 -15.70
N SER A 242 -12.99 12.00 -16.98
CA SER A 242 -12.21 11.06 -17.77
C SER A 242 -10.74 11.39 -17.97
N VAL A 243 -9.94 10.33 -18.05
CA VAL A 243 -8.51 10.45 -18.27
C VAL A 243 -8.24 9.87 -19.65
N TYR A 244 -7.74 10.71 -20.56
CA TYR A 244 -7.46 10.28 -21.92
C TYR A 244 -5.98 10.21 -22.21
N ASP A 245 -5.17 10.74 -21.31
CA ASP A 245 -3.73 10.81 -21.55
C ASP A 245 -2.92 10.63 -20.27
N VAL A 246 -1.67 10.22 -20.43
CA VAL A 246 -0.80 10.05 -19.26
C VAL A 246 -0.38 11.41 -18.67
N SER A 247 -0.36 12.44 -19.51
CA SER A 247 0.06 13.78 -19.09
C SER A 247 -0.61 14.25 -17.79
N ILE A 248 -1.91 14.08 -17.71
CA ILE A 248 -2.68 14.51 -16.55
C ILE A 248 -2.44 13.68 -15.28
N LEU A 249 -1.83 12.50 -15.44
CA LEU A 249 -1.58 11.63 -14.30
C LEU A 249 -0.17 11.79 -13.69
N ILE A 250 0.71 12.47 -14.39
CA ILE A 250 2.07 12.64 -13.90
C ILE A 250 2.16 13.18 -12.47
N PRO A 251 1.30 14.16 -12.11
CA PRO A 251 1.36 14.68 -10.75
C PRO A 251 0.62 13.78 -9.75
N ILE A 252 -0.10 12.78 -10.29
CA ILE A 252 -0.93 11.91 -9.47
C ILE A 252 -0.43 10.50 -9.13
N ILE A 253 0.16 9.83 -10.10
CA ILE A 253 0.65 8.48 -9.87
C ILE A 253 2.15 8.55 -9.76
N ALA A 254 2.70 7.90 -8.72
CA ALA A 254 4.14 7.90 -8.49
C ALA A 254 4.79 6.59 -8.93
N LEU A 255 4.02 5.51 -8.89
CA LEU A 255 4.52 4.19 -9.26
C LEU A 255 3.46 3.37 -9.99
N MET A 256 3.90 2.51 -10.90
CA MET A 256 3.01 1.65 -11.66
C MET A 256 3.44 0.19 -11.53
N VAL A 257 2.47 -0.71 -11.58
CA VAL A 257 2.81 -2.13 -11.54
C VAL A 257 3.27 -2.43 -12.96
N TYR A 258 4.27 -3.30 -13.11
CA TYR A 258 4.76 -3.65 -14.45
C TYR A 258 3.67 -4.38 -15.25
N ARG A 259 3.33 -3.87 -16.42
CA ARG A 259 2.30 -4.49 -17.24
C ARG A 259 2.80 -5.03 -18.57
N CYS A 260 3.82 -4.38 -19.13
CA CYS A 260 4.38 -4.84 -20.40
C CYS A 260 5.72 -4.18 -20.66
N ALA A 261 6.41 -4.66 -21.69
CA ALA A 261 7.71 -4.11 -22.06
C ALA A 261 7.44 -2.78 -22.74
N PRO A 262 8.31 -1.79 -22.51
CA PRO A 262 8.09 -0.49 -23.16
C PRO A 262 8.41 -0.58 -24.65
N PRO A 263 7.62 0.10 -25.50
CA PRO A 263 7.86 0.07 -26.95
C PRO A 263 9.15 0.80 -27.32
N PRO A 264 9.69 0.55 -28.52
CA PRO A 264 10.92 1.20 -28.98
C PRO A 264 10.77 2.72 -28.93
#